data_5BWC
#
_entry.id   5BWC
#
_cell.length_a   112.152
_cell.length_b   112.152
_cell.length_c   137.328
_cell.angle_alpha   90.00
_cell.angle_beta   90.00
_cell.angle_gamma   120.00
#
_symmetry.space_group_name_H-M   'P 31 2 1'
#
loop_
_entity.id
_entity.type
_entity.pdbx_description
1 polymer Acetylcholinesterase
2 non-polymer 2-acetamido-2-deoxy-beta-D-glucopyranose
3 non-polymer "1,7-HEPTYLENE-BIS-N,N'-SYN-2-PYRIDINIUMALDOXIME"
4 water water
#
_entity_poly.entity_id   1
_entity_poly.type   'polypeptide(L)'
_entity_poly.pdbx_seq_one_letter_code
;DDHSELLVNTKSGKVMGTRVPVLSSHISAFLGIPFAEPPVGNMRFRRPEPKKPWSGVWNASTYPNNCQQYVDEQFPGFSG
SEMWNPNREMSEDCLYLNIWVPSPRPKSTTVMVWIYGGGFYSGSSTLDVYNGKYLAYTEEVVLVSLSYRVGAFGFLALHG
SQEAPGNVGLLDQRMALQWVHDNIQFFGGDPKTVTIFGESAGGASVGMHILSPGSRDLFRRAILQSGSPNCPWASVSVAE
GRRRAVELGRNLNCNLNSDEELIHCLREKKPQELIDVEWNVLPFDSIFRFSFVPVIDGEFFPTSLESMLNSGNFKKTQIL
LGVNKDEGSFFLLYGAPGFSKDSESKISREDFMSGVKLSVPHANDLGLDAVTLQYTDWMDDNNGIKNRDGLDDIVGDHNV
ICPLMHFVNKYTKFGNGTYLYFFNHRASNLVWPEWMGVIHGYEIEFVFGLPLVKELNYTAEEEALSRRIMHYWATFAKTG
NPNEPHSQESKWPLFTTKEQKFIDLNTEPMKVHQRLRVQMCVFWNQFLPKLLNATAC
;
_entity_poly.pdbx_strand_id   A
#
loop_
_chem_comp.id
_chem_comp.type
_chem_comp.name
_chem_comp.formula
HBP non-polymer 1,7-HEPTYLENE-BIS-N,N'-SYN-2-PYRIDINIUMALDOXIME 'C19 H26 N4 O2 2'
NAG D-saccharide, beta linking 2-acetamido-2-deoxy-beta-D-glucopyranose 'C8 H15 N O6'
#
# COMPACT_ATOMS: atom_id res chain seq x y z
N SER A 4 0.35 -23.51 27.95
CA SER A 4 1.11 -23.62 26.66
C SER A 4 1.36 -22.24 26.04
N GLU A 5 2.56 -22.06 25.50
CA GLU A 5 2.96 -20.83 24.84
C GLU A 5 2.16 -20.58 23.55
N LEU A 6 1.63 -21.64 22.95
CA LEU A 6 0.87 -21.55 21.71
C LEU A 6 -0.65 -21.45 21.92
N LEU A 7 -1.10 -21.39 23.16
CA LEU A 7 -2.53 -21.23 23.44
C LEU A 7 -2.78 -19.83 23.99
N VAL A 8 -3.72 -19.11 23.38
CA VAL A 8 -4.05 -17.76 23.82
C VAL A 8 -5.56 -17.61 23.90
N ASN A 9 -6.03 -17.05 25.02
CA ASN A 9 -7.46 -16.79 25.21
C ASN A 9 -7.75 -15.33 24.90
N THR A 10 -8.52 -15.09 23.84
CA THR A 10 -8.90 -13.74 23.46
C THR A 10 -10.36 -13.51 23.86
N LYS A 11 -10.84 -12.28 23.62
CA LYS A 11 -12.22 -11.91 23.86
C LYS A 11 -13.18 -12.62 22.90
N SER A 12 -12.68 -13.08 21.77
CA SER A 12 -13.49 -13.82 20.81
C SER A 12 -13.48 -15.34 21.05
N GLY A 13 -12.59 -15.81 21.93
CA GLY A 13 -12.40 -17.24 22.17
C GLY A 13 -10.94 -17.63 22.11
N LYS A 14 -10.66 -18.91 22.35
CA LYS A 14 -9.27 -19.41 22.41
C LYS A 14 -8.70 -19.66 21.01
N VAL A 15 -7.41 -19.45 20.87
CA VAL A 15 -6.73 -19.66 19.61
C VAL A 15 -5.51 -20.54 19.84
N MET A 16 -5.26 -21.48 18.92
CA MET A 16 -4.08 -22.36 18.99
C MET A 16 -3.14 -22.11 17.80
N GLY A 17 -1.93 -21.67 18.10
CA GLY A 17 -0.93 -21.36 17.09
C GLY A 17 0.01 -22.50 16.78
N THR A 18 1.18 -22.15 16.24
CA THR A 18 2.18 -23.11 15.82
C THR A 18 3.57 -22.54 15.98
N ARG A 19 4.53 -23.42 16.27
CA ARG A 19 5.94 -23.04 16.45
C ARG A 19 6.60 -23.05 15.07
N VAL A 20 7.25 -21.95 14.71
CA VAL A 20 7.90 -21.83 13.39
C VAL A 20 9.38 -21.56 13.54
N PRO A 21 10.21 -22.26 12.74
CA PRO A 21 11.65 -21.98 12.74
C PRO A 21 12.06 -20.73 11.94
N VAL A 22 13.03 -20.01 12.48
CA VAL A 22 13.51 -18.78 11.87
C VAL A 22 14.97 -18.55 12.25
N LEU A 23 15.84 -18.44 11.24
CA LEU A 23 17.27 -18.22 11.46
C LEU A 23 17.86 -19.09 12.59
N SER A 24 17.47 -20.37 12.56
CA SER A 24 17.98 -21.41 13.46
C SER A 24 17.60 -21.11 14.91
N SER A 25 16.46 -20.43 15.10
CA SER A 25 15.82 -20.28 16.41
C SER A 25 14.34 -20.59 16.14
N HIS A 26 13.45 -20.24 17.06
CA HIS A 26 12.00 -20.39 16.82
C HIS A 26 11.10 -19.31 17.43
N ILE A 27 9.86 -19.24 16.96
CA ILE A 27 8.89 -18.25 17.45
C ILE A 27 7.49 -18.80 17.21
N SER A 28 6.49 -18.12 17.75
CA SER A 28 5.11 -18.57 17.63
C SER A 28 4.44 -17.80 16.51
N ALA A 29 3.50 -18.47 15.86
CA ALA A 29 2.71 -17.87 14.80
C ALA A 29 1.26 -18.23 14.97
N PHE A 30 0.41 -17.20 14.96
CA PHE A 30 -1.02 -17.40 15.03
C PHE A 30 -1.57 -16.93 13.70
N LEU A 31 -1.85 -17.89 12.83
CA LEU A 31 -2.23 -17.60 11.46
C LEU A 31 -3.72 -17.85 11.27
N GLY A 32 -4.37 -16.99 10.50
CA GLY A 32 -5.74 -17.22 10.05
C GLY A 32 -6.83 -17.01 11.09
N ILE A 33 -6.67 -16.01 11.95
CA ILE A 33 -7.68 -15.67 12.95
C ILE A 33 -8.73 -14.76 12.32
N PRO A 34 -10.03 -15.09 12.47
CA PRO A 34 -11.05 -14.23 11.88
C PRO A 34 -11.33 -13.02 12.75
N PHE A 35 -11.53 -11.86 12.13
CA PHE A 35 -11.93 -10.65 12.86
C PHE A 35 -13.28 -10.10 12.42
N ALA A 36 -13.94 -10.81 11.51
CA ALA A 36 -15.23 -10.37 11.00
C ALA A 36 -16.05 -11.56 10.54
N GLU A 37 -17.38 -11.38 10.48
CA GLU A 37 -18.26 -12.35 9.85
C GLU A 37 -17.91 -12.44 8.35
N PRO A 38 -17.81 -13.66 7.81
CA PRO A 38 -17.61 -13.80 6.36
C PRO A 38 -18.59 -12.94 5.56
N PRO A 39 -18.08 -12.03 4.70
CA PRO A 39 -18.95 -11.12 3.95
C PRO A 39 -19.51 -11.73 2.66
N VAL A 40 -20.29 -12.80 2.81
CA VAL A 40 -20.80 -13.57 1.68
C VAL A 40 -22.31 -13.37 1.53
N GLY A 41 -22.83 -13.74 0.36
CA GLY A 41 -24.27 -13.64 0.05
C GLY A 41 -24.80 -12.22 0.06
N ASN A 42 -25.82 -11.98 0.88
CA ASN A 42 -26.39 -10.64 1.04
C ASN A 42 -25.45 -9.66 1.69
N MET A 43 -24.40 -10.16 2.35
CA MET A 43 -23.40 -9.27 2.93
C MET A 43 -22.27 -8.87 1.96
N ARG A 44 -22.39 -9.23 0.67
CA ARG A 44 -21.42 -8.78 -0.29
C ARG A 44 -21.67 -7.29 -0.50
N PHE A 45 -20.60 -6.54 -0.75
CA PHE A 45 -20.69 -5.07 -0.84
C PHE A 45 -21.00 -4.22 0.35
N ARG A 46 -21.02 -4.83 1.53
CA ARG A 46 -21.65 -4.33 2.74
C ARG A 46 -20.55 -4.03 3.74
N ARG A 47 -20.93 -3.39 4.85
CA ARG A 47 -19.98 -3.04 5.89
C ARG A 47 -19.69 -4.35 6.62
N PRO A 48 -18.47 -4.49 7.14
CA PRO A 48 -18.15 -5.71 7.86
C PRO A 48 -18.87 -5.77 9.21
N GLU A 49 -19.29 -6.97 9.62
CA GLU A 49 -19.79 -7.20 10.98
C GLU A 49 -18.70 -7.87 11.81
N PRO A 50 -18.66 -7.60 13.13
CA PRO A 50 -17.68 -8.24 13.98
C PRO A 50 -17.91 -9.75 14.08
N LYS A 51 -16.83 -10.50 14.26
CA LYS A 51 -16.91 -11.94 14.30
C LYS A 51 -17.59 -12.45 15.58
N LYS A 52 -18.60 -13.31 15.42
CA LYS A 52 -19.23 -13.97 16.56
C LYS A 52 -18.22 -14.77 17.34
N PRO A 53 -18.20 -14.60 18.67
CA PRO A 53 -17.23 -15.39 19.42
C PRO A 53 -17.50 -16.88 19.25
N TRP A 54 -16.45 -17.67 19.33
CA TRP A 54 -16.56 -19.12 19.17
C TRP A 54 -16.22 -19.78 20.50
N SER A 55 -16.82 -20.94 20.75
CA SER A 55 -16.39 -21.80 21.84
C SER A 55 -15.36 -22.77 21.28
N GLY A 56 -14.62 -23.42 22.17
CA GLY A 56 -13.55 -24.32 21.74
C GLY A 56 -12.33 -23.57 21.24
N VAL A 57 -11.45 -24.30 20.58
CA VAL A 57 -10.14 -23.78 20.19
C VAL A 57 -10.05 -23.60 18.68
N TRP A 58 -9.83 -22.35 18.26
CA TRP A 58 -9.62 -22.06 16.85
C TRP A 58 -8.21 -22.50 16.46
N ASN A 59 -8.13 -23.31 15.41
CA ASN A 59 -6.87 -23.77 14.88
C ASN A 59 -6.23 -22.63 14.05
N ALA A 60 -5.18 -22.01 14.58
CA ALA A 60 -4.51 -20.92 13.90
C ALA A 60 -3.11 -21.30 13.39
N SER A 61 -2.97 -22.54 12.92
CA SER A 61 -1.70 -23.08 12.48
C SER A 61 -1.36 -22.95 10.99
N THR A 62 -2.34 -22.49 10.20
CA THR A 62 -2.13 -22.31 8.75
C THR A 62 -2.73 -21.02 8.20
N TYR A 63 -2.09 -20.51 7.15
CA TYR A 63 -2.56 -19.30 6.47
C TYR A 63 -4.01 -19.45 6.01
N PRO A 64 -4.74 -18.33 5.96
CA PRO A 64 -6.12 -18.34 5.51
C PRO A 64 -6.22 -18.14 4.01
N ASN A 65 -7.44 -18.11 3.52
CA ASN A 65 -7.71 -17.78 2.14
C ASN A 65 -7.34 -16.34 1.81
N ASN A 66 -7.05 -16.08 0.54
CA ASN A 66 -6.83 -14.72 0.06
C ASN A 66 -8.14 -14.21 -0.51
N CYS A 67 -8.36 -12.90 -0.45
CA CYS A 67 -9.60 -12.36 -0.97
C CYS A 67 -9.65 -12.54 -2.49
N GLN A 68 -10.86 -12.58 -3.05
CA GLN A 68 -11.04 -12.73 -4.49
C GLN A 68 -10.44 -11.53 -5.23
N GLN A 69 -9.64 -11.81 -6.26
CA GLN A 69 -8.88 -10.77 -6.95
C GLN A 69 -8.38 -11.20 -8.34
N TYR A 70 -8.13 -10.21 -9.20
CA TYR A 70 -7.41 -10.39 -10.47
C TYR A 70 -6.06 -11.06 -10.24
N VAL A 71 -5.69 -11.95 -11.17
CA VAL A 71 -4.47 -12.75 -11.06
C VAL A 71 -3.58 -12.46 -12.28
N ASP A 72 -2.39 -11.92 -12.01
CA ASP A 72 -1.41 -11.60 -13.04
C ASP A 72 -0.96 -12.88 -13.76
N GLU A 73 -1.11 -12.89 -15.08
CA GLU A 73 -0.69 -14.03 -15.91
C GLU A 73 0.22 -13.60 -17.07
N GLN A 74 0.74 -12.37 -17.03
CA GLN A 74 1.63 -11.90 -18.09
C GLN A 74 2.90 -12.74 -18.27
N PHE A 75 3.51 -13.18 -17.17
CA PHE A 75 4.75 -13.97 -17.26
C PHE A 75 4.64 -15.24 -16.42
N PRO A 76 3.95 -16.27 -16.95
CA PRO A 76 3.75 -17.52 -16.20
C PRO A 76 5.07 -18.19 -15.81
N GLY A 77 5.13 -18.65 -14.56
CA GLY A 77 6.36 -19.18 -13.98
C GLY A 77 7.43 -18.16 -13.55
N PHE A 78 7.25 -16.90 -13.93
CA PHE A 78 8.22 -15.85 -13.61
C PHE A 78 7.97 -15.35 -12.20
N SER A 79 8.96 -15.55 -11.32
CA SER A 79 8.83 -15.17 -9.92
C SER A 79 8.56 -13.67 -9.72
N GLY A 80 9.18 -12.84 -10.56
CA GLY A 80 9.01 -11.39 -10.47
C GLY A 80 7.57 -10.94 -10.35
N SER A 81 6.71 -11.52 -11.20
CA SER A 81 5.29 -11.17 -11.20
C SER A 81 4.48 -12.05 -10.25
N GLU A 82 4.89 -13.31 -10.10
CA GLU A 82 4.08 -14.26 -9.34
C GLU A 82 4.28 -14.20 -7.83
N MET A 83 5.37 -13.57 -7.37
CA MET A 83 5.55 -13.28 -5.95
C MET A 83 4.43 -12.37 -5.39
N TRP A 84 3.73 -11.65 -6.26
CA TRP A 84 2.62 -10.79 -5.88
C TRP A 84 1.24 -11.45 -5.96
N ASN A 85 1.15 -12.59 -6.64
CA ASN A 85 -0.14 -13.28 -6.80
C ASN A 85 -0.56 -13.99 -5.53
N PRO A 86 -1.86 -14.28 -5.38
CA PRO A 86 -2.27 -15.11 -4.25
C PRO A 86 -1.66 -16.53 -4.27
N ASN A 87 -1.12 -16.95 -3.12
CA ASN A 87 -0.52 -18.27 -2.96
C ASN A 87 -1.43 -19.23 -2.18
N ARG A 88 -2.62 -18.78 -1.85
CA ARG A 88 -3.64 -19.64 -1.25
C ARG A 88 -4.83 -19.68 -2.18
N GLU A 89 -5.80 -20.51 -1.85
CA GLU A 89 -7.06 -20.51 -2.59
C GLU A 89 -7.79 -19.18 -2.34
N MET A 90 -8.42 -18.64 -3.36
CA MET A 90 -9.19 -17.42 -3.21
C MET A 90 -10.60 -17.75 -2.70
N SER A 91 -11.13 -16.86 -1.86
CA SER A 91 -12.49 -16.96 -1.32
C SER A 91 -13.01 -15.56 -0.94
N GLU A 92 -14.33 -15.37 -0.96
CA GLU A 92 -14.93 -14.16 -0.41
C GLU A 92 -14.96 -14.22 1.12
N ASP A 93 -14.70 -15.42 1.65
CA ASP A 93 -14.49 -15.64 3.08
C ASP A 93 -13.01 -15.48 3.45
N CYS A 94 -12.55 -14.24 3.44
CA CYS A 94 -11.13 -13.94 3.58
C CYS A 94 -10.73 -12.96 4.66
N LEU A 95 -11.64 -12.57 5.55
CA LEU A 95 -11.30 -11.57 6.54
C LEU A 95 -10.61 -12.12 7.78
N TYR A 96 -9.30 -12.30 7.64
CA TYR A 96 -8.48 -12.89 8.69
C TYR A 96 -7.21 -12.08 8.90
N LEU A 97 -6.58 -12.27 10.05
CA LEU A 97 -5.29 -11.66 10.36
C LEU A 97 -4.28 -12.70 10.86
N ASN A 98 -3.01 -12.33 10.86
CA ASN A 98 -1.93 -13.24 11.26
C ASN A 98 -1.01 -12.54 12.22
N ILE A 99 -0.50 -13.28 13.22
CA ILE A 99 0.37 -12.70 14.24
C ILE A 99 1.66 -13.51 14.46
N TRP A 100 2.78 -12.82 14.46
CA TRP A 100 4.07 -13.44 14.78
C TRP A 100 4.50 -12.89 16.13
N VAL A 101 4.78 -13.81 17.07
CA VAL A 101 5.05 -13.45 18.46
C VAL A 101 6.40 -14.03 18.89
N PRO A 102 7.27 -13.20 19.49
CA PRO A 102 8.53 -13.74 19.99
C PRO A 102 8.39 -14.83 21.06
N SER A 103 9.43 -15.66 21.18
CA SER A 103 9.47 -16.71 22.19
C SER A 103 10.66 -16.49 23.11
N PRO A 104 10.47 -16.43 24.42
CA PRO A 104 9.15 -16.57 25.09
C PRO A 104 8.20 -15.39 24.89
N ARG A 105 6.91 -15.62 25.16
CA ARG A 105 5.87 -14.60 24.96
C ARG A 105 6.28 -13.34 25.70
N PRO A 106 6.15 -12.18 25.04
CA PRO A 106 6.44 -10.88 25.65
C PRO A 106 5.27 -10.52 26.58
N LYS A 107 5.46 -9.49 27.34
CA LYS A 107 4.37 -8.89 28.01
C LYS A 107 3.71 -7.68 27.46
N SER A 108 4.49 -6.67 27.10
CA SER A 108 3.96 -5.42 26.56
C SER A 108 5.11 -4.84 25.75
N THR A 109 5.13 -5.15 24.46
CA THR A 109 6.19 -4.69 23.58
C THR A 109 5.56 -3.98 22.39
N THR A 110 6.38 -3.36 21.56
CA THR A 110 5.85 -2.64 20.42
C THR A 110 5.19 -3.53 19.33
N VAL A 111 4.07 -3.06 18.81
CA VAL A 111 3.30 -3.77 17.82
C VAL A 111 3.38 -3.06 16.48
N MET A 112 3.50 -3.85 15.42
CA MET A 112 3.46 -3.35 14.04
C MET A 112 2.40 -4.13 13.26
N VAL A 113 1.47 -3.42 12.61
CA VAL A 113 0.45 -4.09 11.79
C VAL A 113 0.59 -3.67 10.32
N TRP A 114 0.79 -4.69 9.49
CA TRP A 114 1.09 -4.49 8.09
C TRP A 114 -0.18 -4.48 7.27
N ILE A 115 -0.21 -3.55 6.31
CA ILE A 115 -1.33 -3.44 5.38
C ILE A 115 -0.85 -3.52 3.94
N TYR A 116 -1.25 -4.60 3.27
CA TYR A 116 -0.76 -4.88 1.91
C TYR A 116 -1.23 -3.88 0.85
N GLY A 117 -0.37 -3.70 -0.16
CA GLY A 117 -0.70 -2.90 -1.35
C GLY A 117 -1.35 -3.77 -2.42
N GLY A 118 -1.33 -3.24 -3.65
CA GLY A 118 -1.95 -3.91 -4.80
C GLY A 118 -3.02 -3.09 -5.49
N GLY A 119 -2.89 -1.76 -5.44
CA GLY A 119 -3.79 -0.82 -6.12
C GLY A 119 -5.26 -0.90 -5.73
N PHE A 120 -5.53 -1.41 -4.52
CA PHE A 120 -6.89 -1.66 -4.04
C PHE A 120 -7.63 -2.71 -4.89
N TYR A 121 -6.97 -3.26 -5.91
CA TYR A 121 -7.58 -4.31 -6.73
C TYR A 121 -7.01 -5.71 -6.45
N SER A 122 -5.99 -5.80 -5.59
CA SER A 122 -5.29 -7.05 -5.37
C SER A 122 -4.50 -7.01 -4.07
N GLY A 123 -3.91 -8.15 -3.71
CA GLY A 123 -3.06 -8.26 -2.51
C GLY A 123 -3.43 -9.43 -1.62
N SER A 124 -2.46 -9.91 -0.86
CA SER A 124 -2.65 -10.99 0.11
C SER A 124 -1.74 -10.74 1.28
N SER A 125 -2.18 -11.16 2.47
CA SER A 125 -1.38 -11.04 3.67
C SER A 125 -0.36 -12.18 3.76
N THR A 126 -0.53 -13.18 2.90
CA THR A 126 0.10 -14.49 3.05
C THR A 126 1.32 -14.70 2.17
N LEU A 127 1.78 -13.65 1.49
CA LEU A 127 2.88 -13.76 0.53
C LEU A 127 4.20 -13.99 1.24
N ASP A 128 5.14 -14.66 0.57
CA ASP A 128 6.45 -14.96 1.17
C ASP A 128 7.18 -13.68 1.58
N VAL A 129 7.13 -12.66 0.72
CA VAL A 129 7.77 -11.39 0.98
C VAL A 129 7.15 -10.62 2.16
N TYR A 130 5.94 -11.01 2.61
CA TYR A 130 5.35 -10.43 3.83
C TYR A 130 5.50 -11.30 5.10
N ASN A 131 6.30 -12.36 5.05
CA ASN A 131 6.48 -13.24 6.22
C ASN A 131 7.07 -12.48 7.41
N GLY A 132 6.27 -12.35 8.47
CA GLY A 132 6.61 -11.48 9.60
C GLY A 132 7.60 -12.05 10.60
N LYS A 133 8.04 -13.29 10.39
CA LYS A 133 8.86 -13.98 11.38
C LYS A 133 10.25 -13.37 11.58
N TYR A 134 10.87 -12.88 10.50
CA TYR A 134 12.23 -12.33 10.60
C TYR A 134 12.20 -11.02 11.35
N LEU A 135 11.22 -10.20 11.03
CA LEU A 135 11.07 -8.92 11.70
C LEU A 135 10.77 -9.13 13.17
N ALA A 136 9.74 -9.93 13.46
CA ALA A 136 9.36 -10.24 14.83
C ALA A 136 10.56 -10.74 15.65
N TYR A 137 11.27 -11.71 15.08
CA TYR A 137 12.38 -12.36 15.77
C TYR A 137 13.51 -11.39 16.01
N THR A 138 13.89 -10.66 14.97
CA THR A 138 15.11 -9.84 15.02
C THR A 138 14.95 -8.58 15.89
N GLU A 139 13.78 -7.95 15.84
CA GLU A 139 13.54 -6.73 16.61
C GLU A 139 12.71 -6.96 17.87
N GLU A 140 12.29 -8.20 18.14
CA GLU A 140 11.43 -8.51 19.29
C GLU A 140 10.18 -7.62 19.29
N VAL A 141 9.44 -7.66 18.19
CA VAL A 141 8.16 -6.98 18.08
C VAL A 141 7.08 -7.98 17.74
N VAL A 142 5.85 -7.70 18.19
CA VAL A 142 4.70 -8.46 17.74
C VAL A 142 4.24 -7.90 16.38
N LEU A 143 4.28 -8.75 15.37
CA LEU A 143 3.99 -8.38 13.98
C LEU A 143 2.62 -8.92 13.56
N VAL A 144 1.70 -8.02 13.25
CA VAL A 144 0.39 -8.41 12.72
C VAL A 144 0.35 -8.13 11.24
N SER A 145 -0.33 -8.98 10.48
CA SER A 145 -0.71 -8.64 9.11
C SER A 145 -2.18 -8.88 8.92
N LEU A 146 -2.88 -7.87 8.42
CA LEU A 146 -4.33 -7.94 8.27
C LEU A 146 -4.71 -8.24 6.80
N SER A 147 -6.02 -8.28 6.53
CA SER A 147 -6.53 -8.34 5.17
C SER A 147 -7.77 -7.51 5.04
N TYR A 148 -8.15 -7.24 3.79
CA TYR A 148 -9.32 -6.41 3.50
C TYR A 148 -9.80 -6.72 2.09
N ARG A 149 -11.09 -6.51 1.84
CA ARG A 149 -11.66 -6.76 0.53
C ARG A 149 -11.08 -5.77 -0.49
N VAL A 150 -10.75 -6.29 -1.66
CA VAL A 150 -10.24 -5.51 -2.76
C VAL A 150 -11.23 -5.61 -3.92
N GLY A 151 -10.96 -4.86 -4.98
CA GLY A 151 -11.84 -4.87 -6.14
C GLY A 151 -13.22 -4.35 -5.79
N ALA A 152 -14.19 -4.67 -6.65
CA ALA A 152 -15.59 -4.29 -6.42
C ALA A 152 -16.10 -4.75 -5.07
N PHE A 153 -15.64 -5.92 -4.63
CA PHE A 153 -16.00 -6.49 -3.33
C PHE A 153 -15.70 -5.56 -2.18
N GLY A 154 -14.58 -4.85 -2.30
CA GLY A 154 -14.17 -3.91 -1.27
C GLY A 154 -14.61 -2.46 -1.47
N PHE A 155 -14.85 -2.07 -2.72
CA PHE A 155 -14.95 -0.64 -3.03
C PHE A 155 -16.04 -0.21 -4.01
N LEU A 156 -16.97 -1.10 -4.35
CA LEU A 156 -18.12 -0.72 -5.17
C LEU A 156 -18.89 0.33 -4.42
N ALA A 157 -19.12 1.48 -5.03
CA ALA A 157 -19.67 2.63 -4.31
C ALA A 157 -20.96 3.19 -4.94
N LEU A 158 -22.09 2.89 -4.33
CA LEU A 158 -23.37 3.54 -4.66
C LEU A 158 -23.82 4.41 -3.49
N HIS A 159 -23.36 5.66 -3.48
CA HIS A 159 -23.58 6.55 -2.33
C HIS A 159 -25.07 6.85 -2.11
N GLY A 160 -25.50 6.88 -0.85
CA GLY A 160 -26.92 6.98 -0.50
C GLY A 160 -27.54 5.63 -0.16
N SER A 161 -26.97 4.56 -0.73
CA SER A 161 -27.42 3.20 -0.46
C SER A 161 -26.61 2.59 0.67
N GLN A 162 -27.28 1.97 1.63
CA GLN A 162 -26.60 1.31 2.73
C GLN A 162 -26.19 -0.13 2.39
N GLU A 163 -26.58 -0.61 1.22
CA GLU A 163 -26.23 -1.95 0.80
C GLU A 163 -24.83 -2.02 0.16
N ALA A 164 -24.44 -0.96 -0.57
CA ALA A 164 -23.08 -0.81 -1.10
C ALA A 164 -22.61 0.66 -0.96
N PRO A 165 -22.27 1.07 0.28
CA PRO A 165 -21.93 2.47 0.54
C PRO A 165 -20.60 2.92 -0.05
N GLY A 166 -19.68 1.98 -0.25
CA GLY A 166 -18.31 2.31 -0.60
C GLY A 166 -17.41 2.19 0.62
N ASN A 167 -16.10 2.13 0.38
CA ASN A 167 -15.09 2.15 1.44
C ASN A 167 -15.05 0.97 2.39
N VAL A 168 -15.78 -0.10 2.10
CA VAL A 168 -15.96 -1.16 3.09
C VAL A 168 -14.65 -1.95 3.32
N GLY A 169 -13.78 -1.94 2.32
CA GLY A 169 -12.44 -2.51 2.44
C GLY A 169 -11.57 -1.73 3.41
N LEU A 170 -11.84 -0.43 3.55
CA LEU A 170 -11.15 0.38 4.56
C LEU A 170 -11.71 0.06 5.94
N LEU A 171 -13.01 -0.19 6.01
CA LEU A 171 -13.65 -0.57 7.28
C LEU A 171 -13.21 -1.98 7.71
N ASP A 172 -12.96 -2.86 6.73
CA ASP A 172 -12.30 -4.13 6.99
C ASP A 172 -10.97 -3.90 7.73
N GLN A 173 -10.18 -2.96 7.25
CA GLN A 173 -8.90 -2.70 7.89
C GLN A 173 -9.19 -2.17 9.29
N ARG A 174 -10.13 -1.23 9.40
CA ARG A 174 -10.47 -0.60 10.68
C ARG A 174 -10.91 -1.61 11.72
N MET A 175 -11.73 -2.58 11.31
CA MET A 175 -12.19 -3.63 12.23
C MET A 175 -11.04 -4.51 12.69
N ALA A 176 -10.05 -4.72 11.84
CA ALA A 176 -8.87 -5.49 12.23
C ALA A 176 -8.02 -4.70 13.23
N LEU A 177 -7.93 -3.38 13.04
CA LEU A 177 -7.21 -2.54 13.99
C LEU A 177 -7.95 -2.49 15.33
N GLN A 178 -9.28 -2.54 15.27
CA GLN A 178 -10.12 -2.62 16.45
C GLN A 178 -9.84 -3.90 17.21
N TRP A 179 -9.73 -5.00 16.48
CA TRP A 179 -9.46 -6.29 17.11
C TRP A 179 -8.08 -6.25 17.79
N VAL A 180 -7.09 -5.68 17.10
CA VAL A 180 -5.73 -5.55 17.65
C VAL A 180 -5.77 -4.72 18.92
N HIS A 181 -6.39 -3.54 18.83
CA HIS A 181 -6.61 -2.70 20.00
C HIS A 181 -7.14 -3.51 21.16
N ASP A 182 -8.18 -4.29 20.88
CA ASP A 182 -8.89 -5.01 21.92
C ASP A 182 -8.14 -6.23 22.47
N ASN A 183 -7.38 -6.94 21.64
CA ASN A 183 -6.88 -8.27 22.03
C ASN A 183 -5.38 -8.51 22.06
N ILE A 184 -4.61 -7.61 21.46
CA ILE A 184 -3.21 -7.90 21.21
C ILE A 184 -2.43 -8.06 22.53
N GLN A 185 -2.97 -7.51 23.62
CA GLN A 185 -2.38 -7.66 24.94
C GLN A 185 -2.22 -9.12 25.36
N PHE A 186 -3.13 -9.98 24.92
CA PHE A 186 -3.11 -11.40 25.31
C PHE A 186 -1.98 -12.14 24.61
N PHE A 187 -1.48 -11.55 23.53
CA PHE A 187 -0.33 -12.10 22.81
C PHE A 187 0.97 -11.45 23.25
N GLY A 188 0.91 -10.54 24.21
CA GLY A 188 2.08 -9.80 24.66
C GLY A 188 2.33 -8.48 23.97
N GLY A 189 1.36 -8.03 23.17
CA GLY A 189 1.47 -6.75 22.48
C GLY A 189 1.02 -5.61 23.37
N ASP A 190 1.60 -4.44 23.17
CA ASP A 190 1.20 -3.20 23.86
C ASP A 190 0.18 -2.44 22.97
N PRO A 191 -1.12 -2.47 23.33
CA PRO A 191 -2.10 -1.74 22.53
C PRO A 191 -1.88 -0.22 22.46
N LYS A 192 -1.06 0.31 23.37
CA LYS A 192 -0.73 1.74 23.39
C LYS A 192 0.35 2.11 22.38
N THR A 193 1.03 1.11 21.83
CA THR A 193 2.20 1.34 20.97
C THR A 193 2.06 0.56 19.67
N VAL A 194 0.94 0.78 18.97
CA VAL A 194 0.74 0.19 17.66
C VAL A 194 1.15 1.13 16.53
N THR A 195 2.01 0.62 15.64
CA THR A 195 2.35 1.31 14.40
C THR A 195 1.68 0.59 13.23
N ILE A 196 0.85 1.32 12.48
CA ILE A 196 0.36 0.81 11.21
C ILE A 196 1.33 1.21 10.08
N PHE A 197 1.69 0.23 9.24
CA PHE A 197 2.55 0.47 8.08
C PHE A 197 2.05 -0.28 6.86
N GLY A 198 2.37 0.23 5.68
CA GLY A 198 1.90 -0.34 4.44
C GLY A 198 2.56 0.27 3.21
N GLU A 199 2.53 -0.46 2.11
CA GLU A 199 3.14 -0.02 0.85
C GLU A 199 2.09 0.15 -0.22
N SER A 200 2.28 1.16 -1.07
CA SER A 200 1.41 1.38 -2.24
C SER A 200 -0.01 1.72 -1.73
N ALA A 201 -1.04 0.97 -2.15
CA ALA A 201 -2.40 1.20 -1.64
C ALA A 201 -2.47 1.09 -0.12
N GLY A 202 -1.61 0.26 0.45
CA GLY A 202 -1.48 0.15 1.90
C GLY A 202 -0.87 1.37 2.56
N GLY A 203 0.07 2.02 1.89
CA GLY A 203 0.59 3.31 2.34
C GLY A 203 -0.51 4.37 2.29
N ALA A 204 -1.26 4.41 1.20
CA ALA A 204 -2.37 5.36 1.09
C ALA A 204 -3.45 5.05 2.13
N SER A 205 -3.67 3.77 2.41
CA SER A 205 -4.59 3.33 3.46
C SER A 205 -4.15 3.89 4.79
N VAL A 206 -2.86 3.70 5.14
CA VAL A 206 -2.34 4.23 6.39
C VAL A 206 -2.70 5.72 6.49
N GLY A 207 -2.38 6.48 5.46
CA GLY A 207 -2.70 7.89 5.43
C GLY A 207 -4.19 8.18 5.59
N MET A 208 -5.02 7.30 5.02
CA MET A 208 -6.46 7.45 5.12
C MET A 208 -6.98 7.26 6.56
N HIS A 209 -6.35 6.38 7.33
CA HIS A 209 -6.75 6.19 8.72
C HIS A 209 -6.30 7.34 9.60
N ILE A 210 -5.24 8.02 9.17
CA ILE A 210 -4.77 9.22 9.83
C ILE A 210 -5.78 10.35 9.67
N LEU A 211 -6.41 10.43 8.50
CA LEU A 211 -7.36 11.49 8.20
C LEU A 211 -8.74 11.21 8.79
N SER A 212 -9.25 10.02 8.53
CA SER A 212 -10.59 9.65 8.97
C SER A 212 -10.73 9.65 10.49
N PRO A 213 -11.66 10.47 11.03
CA PRO A 213 -11.97 10.54 12.46
C PRO A 213 -12.22 9.18 13.11
N GLY A 214 -12.94 8.31 12.41
CA GLY A 214 -13.31 7.00 12.93
C GLY A 214 -12.14 6.06 13.17
N SER A 215 -11.00 6.32 12.51
CA SER A 215 -9.84 5.41 12.58
C SER A 215 -8.71 5.91 13.51
N ARG A 216 -8.66 7.20 13.79
CA ARG A 216 -7.49 7.82 14.43
C ARG A 216 -7.12 7.22 15.79
N ASP A 217 -8.12 6.87 16.59
CA ASP A 217 -7.85 6.48 17.98
C ASP A 217 -7.29 5.06 18.11
N LEU A 218 -7.25 4.30 17.01
CA LEU A 218 -6.91 2.87 17.03
C LEU A 218 -5.46 2.54 16.71
N PHE A 219 -4.61 3.57 16.54
CA PHE A 219 -3.18 3.34 16.35
C PHE A 219 -2.38 4.52 16.92
N ARG A 220 -1.09 4.31 17.15
CA ARG A 220 -0.25 5.30 17.78
C ARG A 220 0.52 6.12 16.75
N ARG A 221 1.19 5.43 15.83
CA ARG A 221 1.98 6.09 14.79
C ARG A 221 1.98 5.26 13.51
N ALA A 222 2.67 5.75 12.48
CA ALA A 222 2.42 5.29 11.11
C ALA A 222 3.63 5.38 10.19
N ILE A 223 3.79 4.36 9.35
CA ILE A 223 4.78 4.33 8.28
C ILE A 223 4.08 4.18 6.92
N LEU A 224 4.53 4.95 5.93
CA LEU A 224 3.98 4.90 4.58
C LEU A 224 5.10 4.69 3.55
N GLN A 225 4.99 3.61 2.79
CA GLN A 225 5.97 3.23 1.77
C GLN A 225 5.34 3.37 0.38
N SER A 226 5.82 4.36 -0.37
CA SER A 226 5.46 4.53 -1.78
C SER A 226 3.95 4.70 -1.96
N GLY A 227 3.36 5.50 -1.09
CA GLY A 227 1.91 5.74 -1.15
C GLY A 227 1.48 6.79 -0.17
N SER A 228 0.48 7.59 -0.56
CA SER A 228 -0.09 8.61 0.32
C SER A 228 -1.57 8.80 -0.02
N PRO A 229 -2.36 9.28 0.93
CA PRO A 229 -3.83 9.25 0.73
C PRO A 229 -4.33 10.11 -0.43
N ASN A 230 -3.57 11.14 -0.76
CA ASN A 230 -3.89 12.11 -1.84
C ASN A 230 -3.44 11.69 -3.23
N CYS A 231 -2.97 10.46 -3.38
CA CYS A 231 -2.55 9.98 -4.70
C CYS A 231 -3.73 10.02 -5.71
N PRO A 232 -3.45 10.41 -6.97
CA PRO A 232 -4.52 10.62 -7.95
C PRO A 232 -5.30 9.34 -8.27
N TRP A 233 -4.75 8.17 -7.92
CA TRP A 233 -5.34 6.86 -8.17
C TRP A 233 -6.02 6.25 -6.95
N ALA A 234 -5.87 6.88 -5.79
CA ALA A 234 -6.28 6.28 -4.53
C ALA A 234 -7.71 6.63 -4.13
N SER A 235 -8.36 7.55 -4.84
CA SER A 235 -9.75 7.88 -4.52
C SER A 235 -10.54 8.48 -5.69
N VAL A 236 -11.87 8.44 -5.58
CA VAL A 236 -12.73 9.03 -6.59
C VAL A 236 -13.91 9.75 -5.95
N SER A 237 -14.55 10.65 -6.70
CA SER A 237 -15.77 11.30 -6.22
C SER A 237 -16.91 10.27 -6.13
N VAL A 238 -17.99 10.60 -5.42
CA VAL A 238 -19.14 9.68 -5.32
C VAL A 238 -19.81 9.51 -6.68
N ALA A 239 -19.87 10.60 -7.46
CA ALA A 239 -20.41 10.56 -8.82
C ALA A 239 -19.63 9.59 -9.71
N GLU A 240 -18.31 9.68 -9.67
CA GLU A 240 -17.48 8.77 -10.48
C GLU A 240 -17.62 7.31 -10.03
N GLY A 241 -17.74 7.09 -8.72
CA GLY A 241 -17.94 5.74 -8.18
C GLY A 241 -19.27 5.14 -8.62
N ARG A 242 -20.31 5.96 -8.53
CA ARG A 242 -21.64 5.61 -9.00
C ARG A 242 -21.59 5.19 -10.47
N ARG A 243 -20.95 6.01 -11.29
CA ARG A 243 -20.83 5.76 -12.73
C ARG A 243 -20.19 4.40 -13.03
N ARG A 244 -19.10 4.11 -12.34
CA ARG A 244 -18.37 2.85 -12.53
C ARG A 244 -19.15 1.63 -12.05
N ALA A 245 -19.92 1.81 -10.98
CA ALA A 245 -20.75 0.73 -10.46
C ALA A 245 -21.87 0.40 -11.45
N VAL A 246 -22.44 1.45 -12.03
CA VAL A 246 -23.48 1.31 -13.06
C VAL A 246 -22.92 0.64 -14.33
N GLU A 247 -21.76 1.11 -14.78
CA GLU A 247 -21.11 0.55 -15.94
C GLU A 247 -20.76 -0.93 -15.70
N LEU A 248 -20.35 -1.26 -14.47
CA LEU A 248 -20.06 -2.65 -14.14
C LEU A 248 -21.32 -3.50 -14.34
N GLY A 249 -22.44 -3.01 -13.82
CA GLY A 249 -23.72 -3.67 -14.01
C GLY A 249 -24.15 -3.74 -15.46
N ARG A 250 -23.84 -2.70 -16.22
CA ARG A 250 -24.08 -2.72 -17.66
C ARG A 250 -23.29 -3.83 -18.37
N ASN A 251 -22.06 -4.11 -17.90
CA ASN A 251 -21.22 -5.19 -18.45
C ASN A 251 -21.71 -6.62 -18.18
N LEU A 252 -22.58 -6.78 -17.19
CA LEU A 252 -23.08 -8.10 -16.78
C LEU A 252 -24.60 -8.21 -16.97
N ASN A 253 -25.16 -7.30 -17.78
CA ASN A 253 -26.57 -7.33 -18.20
C ASN A 253 -27.54 -7.12 -17.06
N CYS A 254 -27.18 -6.27 -16.12
CA CYS A 254 -28.03 -6.04 -14.95
C CYS A 254 -29.15 -5.08 -15.30
N ASN A 255 -30.27 -5.24 -14.58
CA ASN A 255 -31.31 -4.23 -14.52
C ASN A 255 -30.71 -2.99 -13.84
N LEU A 256 -30.88 -1.82 -14.46
CA LEU A 256 -30.24 -0.59 -13.98
C LEU A 256 -31.22 0.49 -13.49
N ASN A 257 -32.48 0.12 -13.27
CA ASN A 257 -33.53 1.11 -12.91
C ASN A 257 -33.46 1.63 -11.48
N SER A 258 -32.81 0.90 -10.58
CA SER A 258 -32.64 1.31 -9.20
C SER A 258 -31.37 0.72 -8.61
N ASP A 259 -30.80 1.40 -7.61
CA ASP A 259 -29.72 0.85 -6.81
C ASP A 259 -30.02 -0.58 -6.37
N GLU A 260 -31.24 -0.79 -5.86
CA GLU A 260 -31.62 -2.09 -5.30
C GLU A 260 -31.59 -3.20 -6.35
N GLU A 261 -32.00 -2.87 -7.57
CA GLU A 261 -31.96 -3.80 -8.70
C GLU A 261 -30.52 -4.15 -9.13
N LEU A 262 -29.68 -3.12 -9.20
CA LEU A 262 -28.28 -3.27 -9.61
C LEU A 262 -27.51 -4.13 -8.61
N ILE A 263 -27.66 -3.78 -7.34
CA ILE A 263 -26.92 -4.44 -6.26
C ILE A 263 -27.31 -5.91 -6.18
N HIS A 264 -28.62 -6.17 -6.20
CA HIS A 264 -29.13 -7.55 -6.23
C HIS A 264 -28.52 -8.33 -7.39
N CYS A 265 -28.55 -7.75 -8.58
CA CYS A 265 -27.98 -8.41 -9.75
C CYS A 265 -26.50 -8.74 -9.51
N LEU A 266 -25.75 -7.75 -9.06
CA LEU A 266 -24.32 -7.94 -8.78
C LEU A 266 -24.06 -9.01 -7.71
N ARG A 267 -24.96 -9.13 -6.75
CA ARG A 267 -24.84 -10.16 -5.71
C ARG A 267 -25.14 -11.59 -6.18
N GLU A 268 -25.85 -11.76 -7.29
CA GLU A 268 -26.12 -13.11 -7.83
C GLU A 268 -24.96 -13.66 -8.66
N LYS A 269 -24.02 -12.79 -9.05
CA LYS A 269 -22.92 -13.20 -9.90
C LYS A 269 -21.84 -13.93 -9.09
N LYS A 270 -21.15 -14.86 -9.74
CA LYS A 270 -20.01 -15.51 -9.11
C LYS A 270 -18.85 -14.52 -9.09
N PRO A 271 -17.95 -14.66 -8.12
CA PRO A 271 -16.81 -13.76 -8.02
C PRO A 271 -16.11 -13.48 -9.36
N GLN A 272 -15.77 -14.52 -10.11
CA GLN A 272 -14.95 -14.36 -11.32
C GLN A 272 -15.62 -13.52 -12.43
N GLU A 273 -16.94 -13.52 -12.48
CA GLU A 273 -17.67 -12.71 -13.45
C GLU A 273 -17.44 -11.22 -13.22
N LEU A 274 -17.33 -10.83 -11.95
CA LEU A 274 -17.01 -9.44 -11.62
C LEU A 274 -15.56 -9.11 -11.97
N ILE A 275 -14.64 -10.02 -11.65
CA ILE A 275 -13.22 -9.81 -11.94
C ILE A 275 -12.96 -9.69 -13.45
N ASP A 276 -13.63 -10.51 -14.24
CA ASP A 276 -13.44 -10.55 -15.70
C ASP A 276 -13.74 -9.24 -16.42
N VAL A 277 -14.65 -8.43 -15.91
CA VAL A 277 -15.08 -7.18 -16.57
C VAL A 277 -14.65 -5.91 -15.82
N GLU A 278 -13.96 -6.10 -14.69
CA GLU A 278 -13.56 -5.03 -13.78
C GLU A 278 -12.85 -3.85 -14.45
N TRP A 279 -11.99 -4.14 -15.43
CA TRP A 279 -11.19 -3.11 -16.07
C TRP A 279 -11.94 -2.35 -17.13
N ASN A 280 -13.11 -2.83 -17.53
CA ASN A 280 -13.91 -2.17 -18.57
C ASN A 280 -14.59 -0.87 -18.15
N VAL A 281 -14.56 -0.53 -16.86
CA VAL A 281 -15.28 0.64 -16.36
C VAL A 281 -14.44 1.91 -16.24
N LEU A 282 -13.13 1.81 -16.47
CA LEU A 282 -12.28 3.01 -16.39
C LEU A 282 -12.71 4.05 -17.42
N PRO A 283 -12.71 5.32 -17.04
CA PRO A 283 -13.17 6.36 -17.96
C PRO A 283 -12.17 6.68 -19.08
N PHE A 284 -10.86 6.57 -18.80
CA PHE A 284 -9.83 6.89 -19.80
C PHE A 284 -8.90 5.72 -20.11
N ASP A 285 -8.21 5.85 -21.23
CA ASP A 285 -7.11 4.97 -21.59
C ASP A 285 -5.94 5.44 -20.74
N SER A 286 -5.55 4.62 -19.77
CA SER A 286 -4.67 5.06 -18.72
C SER A 286 -3.75 3.97 -18.17
N ILE A 287 -2.72 4.40 -17.47
CA ILE A 287 -1.97 3.50 -16.61
C ILE A 287 -1.94 4.07 -15.20
N PHE A 288 -1.65 3.20 -14.24
CA PHE A 288 -1.68 3.55 -12.81
C PHE A 288 -3.07 4.08 -12.41
N ARG A 289 -4.12 3.42 -12.91
CA ARG A 289 -5.48 3.76 -12.53
C ARG A 289 -6.24 2.47 -12.32
N PHE A 290 -7.09 2.46 -11.29
CA PHE A 290 -7.78 1.26 -10.85
C PHE A 290 -9.26 1.55 -10.68
N SER A 291 -10.07 0.55 -10.91
CA SER A 291 -11.50 0.70 -11.04
C SER A 291 -12.22 1.03 -9.73
N PHE A 292 -12.00 0.18 -8.72
CA PHE A 292 -12.71 0.30 -7.46
C PHE A 292 -11.78 0.66 -6.33
N VAL A 293 -11.90 1.91 -5.90
CA VAL A 293 -10.99 2.52 -4.94
C VAL A 293 -11.81 3.33 -3.93
N PRO A 294 -11.18 3.77 -2.83
CA PRO A 294 -11.90 4.54 -1.85
C PRO A 294 -12.63 5.75 -2.45
N VAL A 295 -13.75 6.10 -1.84
CA VAL A 295 -14.59 7.18 -2.35
C VAL A 295 -14.73 8.26 -1.28
N ILE A 296 -14.71 9.51 -1.74
CA ILE A 296 -14.78 10.68 -0.87
C ILE A 296 -16.26 10.88 -0.50
N ASP A 297 -16.68 10.21 0.56
CA ASP A 297 -18.13 10.04 0.82
C ASP A 297 -18.75 11.00 1.86
N GLY A 298 -17.96 11.80 2.50
CA GLY A 298 -18.47 12.56 3.59
C GLY A 298 -18.76 11.85 4.91
N GLU A 299 -18.49 10.55 5.04
CA GLU A 299 -18.57 9.84 6.31
C GLU A 299 -17.17 9.43 6.81
N PHE A 300 -16.45 8.68 5.98
CA PHE A 300 -15.13 8.18 6.28
C PHE A 300 -14.20 9.38 6.16
N PHE A 301 -14.27 10.05 5.02
CA PHE A 301 -13.64 11.37 4.83
C PHE A 301 -14.68 12.44 4.93
N PRO A 302 -14.62 13.26 6.00
CA PRO A 302 -15.69 14.25 6.23
C PRO A 302 -15.81 15.28 5.10
N THR A 303 -14.67 15.81 4.67
CA THR A 303 -14.60 16.73 3.54
C THR A 303 -13.53 16.24 2.57
N SER A 304 -13.20 17.05 1.58
CA SER A 304 -12.19 16.69 0.59
C SER A 304 -10.81 16.55 1.25
N LEU A 305 -9.98 15.70 0.67
CA LEU A 305 -8.68 15.40 1.22
C LEU A 305 -7.83 16.66 1.39
N GLU A 306 -7.84 17.53 0.36
CA GLU A 306 -7.05 18.76 0.39
C GLU A 306 -7.50 19.73 1.49
N SER A 307 -8.80 19.88 1.71
CA SER A 307 -9.27 20.79 2.76
C SER A 307 -8.92 20.24 4.15
N MET A 308 -9.03 18.92 4.31
CA MET A 308 -8.56 18.27 5.53
C MET A 308 -7.08 18.50 5.77
N LEU A 309 -6.25 18.39 4.72
CA LEU A 309 -4.82 18.62 4.88
C LEU A 309 -4.49 20.08 5.21
N ASN A 310 -5.25 21.02 4.65
CA ASN A 310 -5.01 22.46 4.92
C ASN A 310 -5.44 22.89 6.32
N SER A 311 -6.58 22.39 6.78
CA SER A 311 -7.11 22.76 8.09
C SER A 311 -6.50 22.00 9.27
N GLY A 312 -5.72 20.96 9.02
CA GLY A 312 -5.12 20.18 10.10
C GLY A 312 -6.11 19.18 10.68
N ASN A 313 -7.06 18.75 9.86
CA ASN A 313 -8.07 17.82 10.29
C ASN A 313 -7.55 16.39 10.12
N PHE A 314 -6.67 16.00 11.04
CA PHE A 314 -6.07 14.65 11.05
C PHE A 314 -5.33 14.32 12.34
N LYS A 315 -5.05 13.04 12.54
CA LYS A 315 -4.31 12.60 13.71
C LYS A 315 -2.95 13.29 13.68
N LYS A 316 -2.52 13.84 14.82
CA LYS A 316 -1.21 14.44 14.96
C LYS A 316 -0.30 13.49 15.79
N THR A 317 0.73 12.96 15.14
CA THR A 317 1.62 12.01 15.72
C THR A 317 2.86 11.93 14.83
N GLN A 318 3.78 11.01 15.07
CA GLN A 318 4.97 10.86 14.17
C GLN A 318 4.63 10.04 12.96
N ILE A 319 5.36 10.29 11.89
CA ILE A 319 5.22 9.53 10.64
C ILE A 319 6.62 9.31 10.08
N LEU A 320 6.83 8.12 9.53
CA LEU A 320 8.04 7.79 8.79
C LEU A 320 7.58 7.29 7.42
N LEU A 321 8.24 7.74 6.37
CA LEU A 321 7.74 7.50 5.02
C LEU A 321 8.78 7.79 3.95
N GLY A 322 8.53 7.27 2.77
CA GLY A 322 9.40 7.53 1.64
C GLY A 322 8.96 6.85 0.36
N VAL A 323 9.88 6.90 -0.61
CA VAL A 323 9.64 6.45 -1.97
C VAL A 323 10.85 5.70 -2.52
N ASN A 324 10.62 4.99 -3.60
CA ASN A 324 11.69 4.35 -4.36
C ASN A 324 12.09 5.17 -5.59
N LYS A 325 13.31 4.96 -6.06
CA LYS A 325 13.89 5.72 -7.17
C LYS A 325 13.06 5.66 -8.45
N ASP A 326 12.57 4.46 -8.79
CA ASP A 326 11.98 4.19 -10.10
C ASP A 326 10.57 3.58 -9.95
N GLU A 327 9.69 4.36 -9.33
CA GLU A 327 8.33 3.92 -9.00
C GLU A 327 7.47 3.57 -10.22
N GLY A 328 7.78 4.16 -11.38
CA GLY A 328 6.92 4.06 -12.56
C GLY A 328 7.12 2.85 -13.46
N SER A 329 8.29 2.24 -13.42
CA SER A 329 8.66 1.25 -14.43
C SER A 329 7.68 0.05 -14.50
N PHE A 330 7.20 -0.41 -13.35
CA PHE A 330 6.30 -1.56 -13.28
C PHE A 330 5.06 -1.33 -14.16
N PHE A 331 4.58 -0.10 -14.15
CA PHE A 331 3.33 0.26 -14.79
C PHE A 331 3.48 0.46 -16.29
N LEU A 332 4.57 1.10 -16.70
CA LEU A 332 4.86 1.27 -18.12
C LEU A 332 5.10 -0.08 -18.82
N LEU A 333 5.80 -0.97 -18.16
CA LEU A 333 6.03 -2.32 -18.68
C LEU A 333 4.73 -2.98 -19.09
N TYR A 334 3.74 -2.90 -18.21
CA TYR A 334 2.50 -3.63 -18.40
C TYR A 334 1.60 -2.98 -19.43
N GLY A 335 1.62 -1.66 -19.53
CA GLY A 335 0.62 -0.92 -20.30
C GLY A 335 1.04 0.03 -21.42
N ALA A 336 2.33 0.41 -21.47
CA ALA A 336 2.74 1.46 -22.41
C ALA A 336 3.48 0.89 -23.61
N PRO A 337 3.13 1.38 -24.81
CA PRO A 337 3.78 0.86 -26.01
C PRO A 337 5.28 1.19 -26.06
N GLY A 338 6.06 0.20 -26.50
CA GLY A 338 7.53 0.32 -26.62
C GLY A 338 8.30 -0.36 -25.51
N PHE A 339 7.64 -0.64 -24.38
CA PHE A 339 8.27 -1.28 -23.22
C PHE A 339 8.01 -2.77 -23.23
N SER A 340 9.02 -3.54 -22.83
CA SER A 340 8.87 -4.99 -22.69
C SER A 340 9.94 -5.56 -21.74
N LYS A 341 9.67 -6.74 -21.21
CA LYS A 341 10.47 -7.30 -20.13
C LYS A 341 11.89 -7.70 -20.55
N ASP A 342 12.05 -8.16 -21.79
CA ASP A 342 13.32 -8.74 -22.22
C ASP A 342 14.17 -7.86 -23.16
N SER A 343 13.84 -6.59 -23.29
CA SER A 343 14.73 -5.63 -23.98
C SER A 343 15.03 -4.45 -23.10
N GLU A 344 15.95 -3.61 -23.56
CA GLU A 344 16.30 -2.36 -22.90
C GLU A 344 15.20 -1.30 -22.98
N SER A 345 14.18 -1.54 -23.80
CA SER A 345 13.02 -0.68 -23.93
C SER A 345 13.37 0.79 -24.25
N LYS A 346 14.27 0.98 -25.20
CA LYS A 346 14.55 2.33 -25.72
C LYS A 346 13.31 2.82 -26.44
N ILE A 347 12.87 4.02 -26.10
CA ILE A 347 11.57 4.51 -26.55
C ILE A 347 11.74 5.59 -27.61
N SER A 348 11.02 5.43 -28.72
CA SER A 348 10.98 6.45 -29.75
C SER A 348 10.22 7.66 -29.24
N ARG A 349 10.44 8.80 -29.87
CA ARG A 349 9.70 10.02 -29.60
C ARG A 349 8.17 9.82 -29.72
N GLU A 350 7.74 9.02 -30.68
CA GLU A 350 6.31 8.76 -30.91
C GLU A 350 5.70 7.95 -29.76
N ASP A 351 6.43 6.92 -29.31
CA ASP A 351 6.01 6.14 -28.15
C ASP A 351 6.08 6.94 -26.84
N PHE A 352 7.00 7.90 -26.76
CA PHE A 352 7.10 8.77 -25.59
C PHE A 352 5.84 9.59 -25.41
N MET A 353 5.33 10.08 -26.52
CA MET A 353 4.14 10.93 -26.48
C MET A 353 2.89 10.09 -26.25
N SER A 354 2.84 8.90 -26.82
CA SER A 354 1.77 7.95 -26.48
C SER A 354 1.80 7.69 -24.97
N GLY A 355 3.01 7.53 -24.43
CA GLY A 355 3.23 7.34 -23.00
C GLY A 355 2.66 8.46 -22.13
N VAL A 356 2.92 9.70 -22.52
CA VAL A 356 2.47 10.86 -21.76
C VAL A 356 0.95 10.89 -21.66
N LYS A 357 0.28 10.54 -22.76
CA LYS A 357 -1.18 10.52 -22.83
C LYS A 357 -1.79 9.54 -21.84
N LEU A 358 -1.25 8.33 -21.78
CA LEU A 358 -1.72 7.30 -20.86
C LEU A 358 -1.40 7.59 -19.40
N SER A 359 -0.30 8.31 -19.16
CA SER A 359 0.14 8.61 -17.81
C SER A 359 -0.60 9.77 -17.16
N VAL A 360 -1.17 10.67 -17.95
CA VAL A 360 -1.89 11.82 -17.43
C VAL A 360 -3.24 11.90 -18.15
N PRO A 361 -4.05 10.85 -17.99
CA PRO A 361 -5.26 10.64 -18.81
C PRO A 361 -6.29 11.77 -18.73
N HIS A 362 -6.28 12.49 -17.63
CA HIS A 362 -7.25 13.56 -17.35
C HIS A 362 -6.84 14.94 -17.91
N ALA A 363 -5.75 15.01 -18.67
CA ALA A 363 -5.20 16.28 -19.13
C ALA A 363 -5.63 16.64 -20.55
N ASN A 364 -5.95 17.91 -20.76
CA ASN A 364 -6.19 18.45 -22.12
C ASN A 364 -4.86 18.59 -22.87
N ASP A 365 -4.93 18.98 -24.14
CA ASP A 365 -3.74 19.07 -25.00
C ASP A 365 -2.67 20.01 -24.49
N LEU A 366 -3.09 21.12 -23.91
CA LEU A 366 -2.15 22.06 -23.35
C LEU A 366 -1.38 21.42 -22.19
N GLY A 367 -2.09 20.68 -21.34
CA GLY A 367 -1.49 19.98 -20.22
C GLY A 367 -0.45 18.97 -20.65
N LEU A 368 -0.81 18.19 -21.67
CA LEU A 368 0.09 17.18 -22.22
C LEU A 368 1.37 17.81 -22.76
N ASP A 369 1.24 18.96 -23.43
CA ASP A 369 2.42 19.69 -23.90
C ASP A 369 3.28 20.15 -22.72
N ALA A 370 2.63 20.69 -21.70
CA ALA A 370 3.34 21.18 -20.53
C ALA A 370 4.22 20.09 -19.93
N VAL A 371 3.67 18.88 -19.83
CA VAL A 371 4.41 17.74 -19.27
C VAL A 371 5.58 17.33 -20.15
N THR A 372 5.32 17.21 -21.44
CA THR A 372 6.31 16.82 -22.43
C THR A 372 7.51 17.76 -22.39
N LEU A 373 7.24 19.06 -22.45
CA LEU A 373 8.29 20.08 -22.33
C LEU A 373 9.15 19.88 -21.07
N GLN A 374 8.48 19.57 -19.96
CA GLN A 374 9.14 19.48 -18.66
C GLN A 374 10.11 18.29 -18.54
N TYR A 375 9.87 17.24 -19.32
CA TYR A 375 10.67 16.01 -19.21
C TYR A 375 11.43 15.69 -20.51
N THR A 376 11.49 16.65 -21.45
CA THR A 376 12.22 16.43 -22.69
C THR A 376 13.49 17.26 -22.71
N ASP A 377 14.62 16.61 -22.99
CA ASP A 377 15.87 17.30 -23.29
C ASP A 377 15.88 17.65 -24.77
N TRP A 378 15.64 18.91 -25.10
CA TRP A 378 15.53 19.32 -26.50
C TRP A 378 16.85 19.34 -27.26
N MET A 379 17.98 19.30 -26.56
CA MET A 379 19.27 19.06 -27.20
C MET A 379 19.30 17.63 -27.79
N ASP A 380 18.70 16.66 -27.10
CA ASP A 380 18.84 15.27 -27.49
C ASP A 380 17.51 14.49 -27.42
N ASP A 381 16.57 14.95 -28.24
CA ASP A 381 15.17 14.53 -28.15
C ASP A 381 14.89 13.12 -28.71
N ASN A 382 15.82 12.59 -29.50
CA ASN A 382 15.70 11.24 -30.02
C ASN A 382 16.68 10.27 -29.39
N ASN A 383 17.00 10.51 -28.12
CA ASN A 383 17.76 9.58 -27.33
C ASN A 383 16.79 8.59 -26.65
N GLY A 384 16.84 7.33 -27.08
CA GLY A 384 15.91 6.31 -26.63
C GLY A 384 15.93 6.04 -25.13
N ILE A 385 17.09 6.19 -24.52
CA ILE A 385 17.28 6.00 -23.10
C ILE A 385 16.70 7.17 -22.30
N LYS A 386 16.94 8.40 -22.78
CA LYS A 386 16.41 9.59 -22.12
C LYS A 386 14.89 9.65 -22.19
N ASN A 387 14.33 9.25 -23.34
CA ASN A 387 12.89 9.12 -23.47
C ASN A 387 12.32 8.03 -22.54
N ARG A 388 12.99 6.89 -22.44
CA ARG A 388 12.53 5.82 -21.56
C ARG A 388 12.52 6.30 -20.10
N ASP A 389 13.67 6.79 -19.64
CA ASP A 389 13.81 7.22 -18.25
C ASP A 389 12.94 8.41 -17.88
N GLY A 390 12.80 9.38 -18.79
CA GLY A 390 11.91 10.53 -18.56
C GLY A 390 10.47 10.09 -18.32
N LEU A 391 10.01 9.12 -19.10
CA LEU A 391 8.66 8.58 -18.95
C LEU A 391 8.53 7.76 -17.66
N ASP A 392 9.58 7.04 -17.28
CA ASP A 392 9.65 6.41 -15.96
C ASP A 392 9.47 7.46 -14.86
N ASP A 393 10.26 8.53 -14.91
CA ASP A 393 10.15 9.64 -13.96
C ASP A 393 8.78 10.34 -13.93
N ILE A 394 8.16 10.53 -15.09
CA ILE A 394 6.81 11.12 -15.14
C ILE A 394 5.81 10.28 -14.33
N VAL A 395 5.81 8.97 -14.56
CA VAL A 395 4.83 8.08 -13.93
C VAL A 395 5.08 8.02 -12.42
N GLY A 396 6.35 7.86 -12.03
CA GLY A 396 6.76 7.91 -10.62
C GLY A 396 6.44 9.22 -9.93
N ASP A 397 6.82 10.34 -10.55
CA ASP A 397 6.59 11.65 -9.93
C ASP A 397 5.10 11.95 -9.75
N HIS A 398 4.33 11.84 -10.83
CA HIS A 398 2.90 12.13 -10.80
C HIS A 398 2.18 11.19 -9.81
N ASN A 399 2.38 9.89 -9.93
CA ASN A 399 1.60 8.97 -9.12
C ASN A 399 2.01 8.95 -7.65
N VAL A 400 3.31 8.78 -7.38
CA VAL A 400 3.79 8.49 -6.02
C VAL A 400 4.62 9.53 -5.23
N ILE A 401 5.51 10.23 -5.89
CA ILE A 401 6.59 10.98 -5.22
C ILE A 401 6.00 12.35 -4.94
N CYS A 402 5.56 13.07 -5.96
CA CYS A 402 5.00 14.41 -5.72
C CYS A 402 3.73 14.42 -4.86
N PRO A 403 2.83 13.42 -4.98
CA PRO A 403 1.72 13.37 -4.03
C PRO A 403 2.19 13.07 -2.58
N LEU A 404 3.19 12.21 -2.43
CA LEU A 404 3.74 11.97 -1.10
C LEU A 404 4.44 13.23 -0.55
N MET A 405 5.12 13.97 -1.42
CA MET A 405 5.80 15.20 -1.00
C MET A 405 4.83 16.30 -0.60
N HIS A 406 3.67 16.37 -1.25
CA HIS A 406 2.63 17.34 -0.89
C HIS A 406 2.06 16.97 0.47
N PHE A 407 1.82 15.67 0.65
CA PHE A 407 1.31 15.17 1.92
C PHE A 407 2.30 15.47 3.07
N VAL A 408 3.57 15.20 2.83
CA VAL A 408 4.56 15.31 3.90
C VAL A 408 4.76 16.76 4.31
N ASN A 409 4.82 17.65 3.33
CA ASN A 409 4.90 19.08 3.62
C ASN A 409 3.68 19.61 4.36
N LYS A 410 2.49 19.21 3.93
CA LYS A 410 1.27 19.62 4.62
C LYS A 410 1.18 19.01 6.03
N TYR A 411 1.55 17.73 6.17
CA TYR A 411 1.42 17.06 7.45
C TYR A 411 2.38 17.64 8.47
N THR A 412 3.59 17.98 8.04
CA THR A 412 4.62 18.41 8.95
C THR A 412 4.29 19.74 9.65
N LYS A 413 3.52 20.59 8.97
CA LYS A 413 3.04 21.83 9.56
C LYS A 413 2.37 21.59 10.92
N PHE A 414 1.56 20.52 11.02
CA PHE A 414 0.78 20.22 12.23
C PHE A 414 1.29 19.04 13.06
N GLY A 415 2.18 18.21 12.49
CA GLY A 415 2.51 16.91 13.07
C GLY A 415 3.54 17.01 14.19
N ASN A 416 3.84 15.87 14.80
CA ASN A 416 4.77 15.81 15.93
C ASN A 416 6.11 15.15 15.60
N GLY A 417 6.41 14.99 14.31
CA GLY A 417 7.72 14.52 13.87
C GLY A 417 7.67 13.70 12.60
N THR A 418 8.51 14.05 11.64
CA THR A 418 8.50 13.43 10.32
C THR A 418 9.90 12.93 9.96
N TYR A 419 9.96 11.72 9.39
CA TYR A 419 11.22 11.14 8.90
C TYR A 419 11.06 10.59 7.48
N LEU A 420 11.81 11.17 6.56
CA LEU A 420 11.65 10.89 5.12
C LEU A 420 12.88 10.19 4.53
N TYR A 421 12.62 9.18 3.69
CA TYR A 421 13.69 8.43 3.02
C TYR A 421 13.51 8.39 1.50
N PHE A 422 14.60 8.09 0.81
CA PHE A 422 14.61 7.85 -0.62
C PHE A 422 15.39 6.55 -0.83
N PHE A 423 14.67 5.48 -1.15
CA PHE A 423 15.27 4.15 -1.29
C PHE A 423 15.73 3.93 -2.73
N ASN A 424 17.05 3.74 -2.92
CA ASN A 424 17.63 3.61 -4.26
C ASN A 424 18.69 2.51 -4.41
N HIS A 425 18.54 1.41 -3.67
CA HIS A 425 19.40 0.26 -3.88
C HIS A 425 18.75 -0.71 -4.86
N ARG A 426 19.49 -1.01 -5.92
CA ARG A 426 19.12 -2.00 -6.91
C ARG A 426 19.61 -3.34 -6.39
N ALA A 427 18.71 -4.24 -6.04
CA ALA A 427 19.07 -5.53 -5.45
C ALA A 427 19.91 -6.39 -6.40
N SER A 428 20.90 -7.08 -5.84
CA SER A 428 21.85 -7.81 -6.66
C SER A 428 21.24 -9.04 -7.33
N ASN A 429 20.15 -9.56 -6.77
CA ASN A 429 19.51 -10.79 -7.27
C ASN A 429 18.20 -10.53 -8.00
N LEU A 430 17.98 -9.30 -8.44
CA LEU A 430 16.70 -8.91 -9.02
C LEU A 430 16.49 -9.57 -10.38
N VAL A 431 15.32 -10.16 -10.56
CA VAL A 431 14.99 -10.90 -11.78
C VAL A 431 14.48 -10.01 -12.92
N TRP A 432 13.92 -8.86 -12.58
CA TRP A 432 13.49 -7.86 -13.58
C TRP A 432 14.70 -7.23 -14.30
N PRO A 433 14.48 -6.71 -15.51
CA PRO A 433 15.60 -6.14 -16.26
C PRO A 433 16.15 -4.85 -15.66
N GLU A 434 17.39 -4.55 -16.06
CA GLU A 434 18.11 -3.35 -15.63
C GLU A 434 17.31 -2.05 -15.77
N TRP A 435 16.61 -1.90 -16.88
CA TRP A 435 15.97 -0.61 -17.19
C TRP A 435 14.87 -0.20 -16.22
N MET A 436 14.30 -1.15 -15.49
CA MET A 436 13.21 -0.86 -14.58
C MET A 436 13.71 -0.25 -13.27
N GLY A 437 15.00 -0.43 -13.00
CA GLY A 437 15.68 0.26 -11.90
C GLY A 437 15.28 -0.25 -10.52
N VAL A 438 14.99 0.69 -9.62
CA VAL A 438 14.51 0.36 -8.29
C VAL A 438 12.98 0.47 -8.28
N ILE A 439 12.35 -0.71 -8.38
CA ILE A 439 10.95 -0.87 -8.74
C ILE A 439 10.00 -0.70 -7.55
N HIS A 440 8.81 -0.18 -7.84
CA HIS A 440 7.66 -0.21 -6.93
C HIS A 440 7.56 -1.55 -6.22
N GLY A 441 7.73 -1.56 -4.90
CA GLY A 441 7.46 -2.74 -4.07
C GLY A 441 8.71 -3.51 -3.66
N TYR A 442 9.88 -3.06 -4.11
CA TYR A 442 11.11 -3.82 -3.88
C TYR A 442 11.97 -3.31 -2.74
N GLU A 443 11.41 -2.38 -1.96
CA GLU A 443 11.94 -2.09 -0.62
C GLU A 443 11.33 -3.03 0.44
N ILE A 444 10.20 -3.65 0.12
CA ILE A 444 9.46 -4.45 1.09
C ILE A 444 10.33 -5.61 1.60
N GLU A 445 10.99 -6.31 0.70
CA GLU A 445 11.89 -7.42 1.07
C GLU A 445 13.00 -7.04 2.08
N PHE A 446 13.46 -5.78 2.03
CA PHE A 446 14.47 -5.29 3.01
C PHE A 446 13.82 -4.94 4.34
N VAL A 447 12.57 -4.50 4.28
CA VAL A 447 11.80 -4.19 5.47
C VAL A 447 11.44 -5.48 6.23
N PHE A 448 11.24 -6.57 5.51
CA PHE A 448 10.83 -7.83 6.15
C PHE A 448 11.98 -8.80 6.40
N GLY A 449 13.19 -8.41 6.02
CA GLY A 449 14.40 -9.14 6.45
C GLY A 449 14.81 -10.32 5.61
N LEU A 450 14.31 -10.42 4.38
CA LEU A 450 14.62 -11.56 3.52
C LEU A 450 16.13 -11.70 3.21
N PRO A 451 16.87 -10.59 3.13
CA PRO A 451 18.33 -10.67 3.00
C PRO A 451 19.08 -11.39 4.12
N LEU A 452 18.45 -11.67 5.25
CA LEU A 452 19.09 -12.45 6.32
C LEU A 452 19.09 -13.96 6.02
N VAL A 453 18.23 -14.39 5.10
CA VAL A 453 18.18 -15.79 4.68
C VAL A 453 19.21 -16.07 3.57
N LYS A 454 20.20 -16.90 3.88
CA LYS A 454 21.34 -17.11 2.98
C LYS A 454 20.94 -17.71 1.63
N GLU A 455 20.09 -18.72 1.65
CA GLU A 455 19.63 -19.41 0.43
C GLU A 455 18.91 -18.50 -0.60
N LEU A 456 18.59 -17.26 -0.23
CA LEU A 456 18.01 -16.31 -1.17
C LEU A 456 19.06 -15.47 -1.93
N ASN A 457 20.35 -15.65 -1.62
CA ASN A 457 21.46 -15.16 -2.45
C ASN A 457 21.64 -13.63 -2.49
N TYR A 458 21.46 -12.95 -1.36
CA TYR A 458 21.80 -11.52 -1.28
C TYR A 458 23.27 -11.39 -0.88
N THR A 459 23.85 -10.21 -1.06
CA THR A 459 25.21 -9.95 -0.60
C THR A 459 25.22 -9.68 0.89
N ALA A 460 26.42 -9.63 1.49
CA ALA A 460 26.56 -9.29 2.89
C ALA A 460 26.12 -7.85 3.19
N GLU A 461 26.43 -6.93 2.27
CA GLU A 461 26.08 -5.53 2.50
C GLU A 461 24.56 -5.31 2.35
N GLU A 462 23.90 -6.18 1.59
CA GLU A 462 22.44 -6.20 1.53
C GLU A 462 21.81 -6.75 2.84
N GLU A 463 22.45 -7.74 3.46
CA GLU A 463 22.03 -8.18 4.80
C GLU A 463 22.14 -7.02 5.78
N ALA A 464 23.26 -6.29 5.69
CA ALA A 464 23.50 -5.18 6.60
C ALA A 464 22.47 -4.07 6.41
N LEU A 465 22.15 -3.76 5.15
CA LEU A 465 21.11 -2.79 4.84
C LEU A 465 19.75 -3.21 5.43
N SER A 466 19.37 -4.45 5.18
CA SER A 466 18.10 -4.98 5.70
C SER A 466 17.97 -4.81 7.22
N ARG A 467 18.98 -5.28 7.96
CA ARG A 467 19.02 -5.14 9.43
C ARG A 467 18.88 -3.70 9.87
N ARG A 468 19.58 -2.82 9.17
CA ARG A 468 19.59 -1.41 9.49
C ARG A 468 18.20 -0.77 9.28
N ILE A 469 17.53 -1.14 8.19
CA ILE A 469 16.17 -0.69 7.91
C ILE A 469 15.17 -1.26 8.91
N MET A 470 15.30 -2.54 9.23
CA MET A 470 14.42 -3.18 10.23
C MET A 470 14.52 -2.47 11.58
N HIS A 471 15.75 -2.15 11.99
CA HIS A 471 15.99 -1.50 13.27
C HIS A 471 15.50 -0.06 13.24
N TYR A 472 15.65 0.64 12.11
CA TYR A 472 15.01 1.96 11.94
C TYR A 472 13.49 1.83 12.10
N TRP A 473 12.88 0.96 11.31
CA TRP A 473 11.43 0.77 11.35
C TRP A 473 10.95 0.45 12.78
N ALA A 474 11.60 -0.54 13.41
CA ALA A 474 11.22 -1.01 14.75
C ALA A 474 11.52 -0.01 15.86
N THR A 475 12.65 0.68 15.77
CA THR A 475 12.97 1.69 16.77
C THR A 475 11.99 2.86 16.66
N PHE A 476 11.59 3.21 15.44
CA PHE A 476 10.58 4.25 15.24
C PHE A 476 9.21 3.83 15.80
N ALA A 477 8.81 2.58 15.54
CA ALA A 477 7.55 2.07 16.09
C ALA A 477 7.57 2.12 17.62
N LYS A 478 8.72 1.81 18.22
CA LYS A 478 8.83 1.80 19.67
C LYS A 478 8.85 3.20 20.31
N THR A 479 9.51 4.16 19.66
CA THR A 479 9.81 5.45 20.30
C THR A 479 9.32 6.71 19.58
N GLY A 480 8.99 6.61 18.30
CA GLY A 480 8.69 7.79 17.47
C GLY A 480 9.91 8.40 16.80
N ASN A 481 11.04 7.68 16.86
CA ASN A 481 12.33 8.13 16.34
C ASN A 481 13.11 6.90 15.86
N PRO A 482 13.55 6.87 14.59
CA PRO A 482 14.27 5.69 14.08
C PRO A 482 15.70 5.53 14.62
N ASN A 483 16.20 6.59 15.23
CA ASN A 483 17.52 6.58 15.84
C ASN A 483 17.54 6.21 17.28
N GLU A 484 18.62 5.54 17.64
CA GLU A 484 18.96 5.36 19.04
C GLU A 484 19.75 6.48 19.54
N PRO A 485 19.14 7.23 20.47
CA PRO A 485 19.80 8.40 21.07
C PRO A 485 21.00 7.75 21.76
N HIS A 486 22.08 8.52 21.92
CA HIS A 486 23.29 8.02 22.56
C HIS A 486 24.19 6.98 21.90
N SER A 487 23.93 6.71 20.62
CA SER A 487 24.71 5.74 19.88
C SER A 487 25.62 6.41 18.85
N GLN A 488 26.72 5.73 18.51
CA GLN A 488 27.67 6.27 17.52
C GLN A 488 27.39 6.24 16.00
N GLU A 489 26.24 5.70 15.61
CA GLU A 489 25.87 5.58 14.20
C GLU A 489 25.36 6.93 13.67
N SER A 490 25.29 7.03 12.34
CA SER A 490 24.85 8.27 11.67
C SER A 490 23.37 8.58 11.93
N LYS A 491 23.07 9.87 12.09
CA LYS A 491 21.74 10.32 12.50
C LYS A 491 20.84 10.66 11.33
N TRP A 492 19.73 9.93 11.20
CA TRP A 492 18.66 10.25 10.27
C TRP A 492 17.99 11.51 10.81
N PRO A 493 18.18 12.65 10.14
CA PRO A 493 17.62 13.88 10.70
C PRO A 493 16.10 14.00 10.51
N LEU A 494 15.49 14.69 11.45
CA LEU A 494 14.09 15.07 11.40
C LEU A 494 13.81 15.91 10.14
N PHE A 495 12.68 15.62 9.47
CA PHE A 495 12.20 16.46 8.37
C PHE A 495 11.47 17.68 8.95
N THR A 496 11.85 18.88 8.51
CA THR A 496 11.22 20.12 8.98
C THR A 496 10.71 20.98 7.83
N THR A 497 9.69 21.77 8.10
CA THR A 497 9.14 22.71 7.14
C THR A 497 10.23 23.60 6.55
N LYS A 498 11.16 24.01 7.39
CA LYS A 498 12.22 24.92 7.01
C LYS A 498 13.24 24.26 6.08
N GLU A 499 13.87 23.18 6.52
CA GLU A 499 15.02 22.60 5.82
C GLU A 499 14.73 21.34 5.00
N GLN A 500 13.63 20.65 5.31
CA GLN A 500 13.09 19.61 4.43
C GLN A 500 14.08 18.44 4.14
N LYS A 501 14.79 18.03 5.18
CA LYS A 501 15.87 17.05 5.06
C LYS A 501 15.38 15.62 4.89
N PHE A 502 16.18 14.82 4.17
CA PHE A 502 15.89 13.41 4.01
C PHE A 502 17.18 12.64 3.74
N ILE A 503 17.09 11.32 3.85
CA ILE A 503 18.25 10.45 3.61
C ILE A 503 18.01 9.47 2.46
N ASP A 504 19.11 8.94 1.92
CA ASP A 504 19.08 7.80 1.00
C ASP A 504 19.06 6.54 1.85
N LEU A 505 18.48 5.47 1.32
CA LEU A 505 18.61 4.14 1.91
C LEU A 505 19.27 3.22 0.89
N ASN A 506 20.51 2.83 1.16
CA ASN A 506 21.29 2.00 0.26
C ASN A 506 22.56 1.53 1.00
N THR A 507 23.39 0.74 0.33
CA THR A 507 24.56 0.14 0.97
C THR A 507 25.73 1.12 1.24
N GLU A 508 25.68 2.33 0.68
CA GLU A 508 26.75 3.32 0.89
C GLU A 508 26.53 4.09 2.17
N PRO A 509 27.59 4.77 2.69
CA PRO A 509 27.42 5.60 3.89
C PRO A 509 26.34 6.65 3.68
N MET A 510 25.43 6.82 4.65
CA MET A 510 24.26 7.67 4.43
C MET A 510 24.65 9.10 4.05
N LYS A 511 23.79 9.72 3.25
CA LYS A 511 23.93 11.12 2.89
C LYS A 511 22.61 11.81 3.17
N VAL A 512 22.68 13.03 3.70
CA VAL A 512 21.52 13.87 3.87
C VAL A 512 21.40 14.73 2.63
N HIS A 513 20.19 14.94 2.15
CA HIS A 513 19.89 15.92 1.10
C HIS A 513 18.63 16.68 1.49
N GLN A 514 18.31 17.72 0.72
CA GLN A 514 17.09 18.50 0.96
C GLN A 514 16.21 18.64 -0.27
N ARG A 515 14.92 18.85 0.00
CA ARG A 515 13.91 19.13 -1.02
C ARG A 515 13.70 18.15 -2.17
N LEU A 516 13.36 16.93 -1.77
CA LEU A 516 13.23 15.80 -2.66
C LEU A 516 12.40 16.02 -3.89
N ARG A 517 13.06 16.03 -5.06
CA ARG A 517 12.41 16.30 -6.38
C ARG A 517 11.49 17.47 -6.33
N VAL A 518 12.00 18.59 -5.82
CA VAL A 518 11.18 19.79 -5.62
C VAL A 518 10.89 20.49 -6.96
N GLN A 519 11.85 20.45 -7.89
CA GLN A 519 11.69 21.14 -9.17
C GLN A 519 10.57 20.52 -10.03
N MET A 520 10.44 19.20 -9.93
CA MET A 520 9.39 18.50 -10.65
C MET A 520 8.08 18.55 -9.88
N CYS A 521 8.14 18.52 -8.54
CA CYS A 521 6.93 18.47 -7.73
C CYS A 521 6.23 19.84 -7.60
N VAL A 522 6.99 20.93 -7.76
CA VAL A 522 6.34 22.24 -7.93
C VAL A 522 5.53 22.21 -9.22
N PHE A 523 6.04 21.53 -10.24
CA PHE A 523 5.28 21.39 -11.47
C PHE A 523 3.98 20.57 -11.31
N TRP A 524 4.06 19.40 -10.65
CA TRP A 524 2.85 18.55 -10.48
C TRP A 524 1.87 19.07 -9.42
N ASN A 525 2.39 19.68 -8.37
CA ASN A 525 1.57 20.06 -7.22
C ASN A 525 1.06 21.49 -7.26
N GLN A 526 1.73 22.37 -8.02
CA GLN A 526 1.26 23.75 -8.15
C GLN A 526 0.86 24.13 -9.57
N PHE A 527 1.79 24.06 -10.51
CA PHE A 527 1.55 24.64 -11.82
C PHE A 527 0.50 23.88 -12.65
N LEU A 528 0.71 22.59 -12.86
CA LEU A 528 -0.16 21.83 -13.73
C LEU A 528 -1.64 21.86 -13.28
N PRO A 529 -1.90 21.69 -11.97
CA PRO A 529 -3.30 21.77 -11.56
C PRO A 529 -3.92 23.13 -11.86
N LYS A 530 -3.15 24.21 -11.67
CA LYS A 530 -3.63 25.56 -11.98
C LYS A 530 -3.91 25.70 -13.49
N LEU A 531 -3.05 25.11 -14.30
CA LEU A 531 -3.22 25.10 -15.76
C LEU A 531 -4.48 24.34 -16.17
N LEU A 532 -4.76 23.23 -15.51
CA LEU A 532 -5.96 22.44 -15.84
C LEU A 532 -7.25 23.10 -15.34
N ASN A 533 -7.18 23.88 -14.25
CA ASN A 533 -8.36 24.62 -13.77
C ASN A 533 -8.72 25.82 -14.66
N ALA A 534 -7.73 26.46 -15.26
CA ALA A 534 -7.98 27.62 -16.11
C ALA A 534 -8.51 27.19 -17.47
N THR A 535 -8.02 26.06 -17.97
CA THR A 535 -8.47 25.48 -19.25
C THR A 535 -9.26 24.19 -19.04
C1 NAG B . 6.10 16.61 19.99
C2 NAG B . 7.13 17.74 19.81
C3 NAG B . 7.80 18.12 21.12
C4 NAG B . 6.77 18.32 22.23
C5 NAG B . 5.87 17.07 22.30
C6 NAG B . 4.83 17.10 23.43
C7 NAG B . 8.09 17.90 17.55
C8 NAG B . 9.16 17.43 16.59
N2 NAG B . 8.12 17.38 18.79
O3 NAG B . 8.52 19.31 20.88
O4 NAG B . 7.37 18.63 23.47
O5 NAG B . 5.22 16.94 21.04
O6 NAG B . 3.69 17.86 23.09
O7 NAG B . 7.26 18.71 17.14
C1 NAG C . -3.43 -28.20 12.38
C2 NAG C . -4.24 -29.38 12.89
C3 NAG C . -3.47 -30.61 12.42
C4 NAG C . -3.35 -30.58 10.89
C5 NAG C . -2.99 -29.19 10.31
C6 NAG C . -3.29 -29.10 8.81
C7 NAG C . -5.57 -29.63 14.97
C8 NAG C . -6.81 -30.05 14.21
N2 NAG C . -4.43 -29.34 14.34
O3 NAG C . -4.12 -31.78 12.84
O4 NAG C . -2.36 -31.53 10.51
O5 NAG C . -3.63 -28.13 10.99
O6 NAG C . -4.62 -28.69 8.54
O7 NAG C . -5.64 -29.57 16.19
C1 HBP D . -1.99 -3.27 -13.75
C5 HBP D . 0.42 -3.40 -12.96
O10 HBP D . -1.76 -1.28 -18.40
N9 HBP D . -2.54 -2.31 -17.86
C8A HBP D . -2.35 -2.62 -16.64
C7 HBP D . -3.15 -3.68 -15.99
C6 HBP D . -4.10 -4.39 -16.72
C4 HBP D . -4.65 -5.65 -14.76
C3 HBP D . -3.70 -4.93 -14.04
N2 HBP D . -2.97 -3.97 -14.61
C2 HBP D . -0.79 -4.16 -13.50
C5A HBP D . -4.85 -5.37 -16.11
C8 HBP D . 1.53 -4.40 -12.71
C11 HBP D . 2.29 -4.28 -11.40
C14 HBP D . 1.39 -4.21 -10.17
C17 HBP D . 1.62 -5.28 -9.10
N20 HBP D . 2.07 -4.73 -7.80
C21 HBP D . 3.11 -5.33 -7.20
C22 HBP D . 3.61 -4.87 -5.98
C23 HBP D . 3.02 -3.79 -5.35
C24 HBP D . 1.94 -3.18 -5.97
C25 HBP D . 1.45 -3.66 -7.19
C26 HBP D . 0.33 -2.90 -7.82
N27 HBP D . 0.01 -1.76 -7.41
O28 HBP D . -1.00 -1.08 -8.09
#